data_6J4F
#
_entry.id   6J4F
#
_cell.length_a   38.100
_cell.length_b   48.300
_cell.length_c   69.100
_cell.angle_alpha   93.70
_cell.angle_beta   87.30
_cell.angle_gamma   97.50
#
_symmetry.space_group_name_H-M   'P 1'
#
loop_
_entity.id
_entity.type
_entity.pdbx_description
1 polymer 'Probable WRKY transcription factor 2'
2 polymer "DNA (5'-D(*AP*GP*CP*CP*TP*TP*TP*GP*AP*CP*CP*AP*GP*CP*G)-3')"
3 polymer "DNA (5'-D(*TP*CP*GP*CP*TP*GP*GP*TP*CP*AP*AP*AP*GP*GP*C)-3')"
4 non-polymer 'ZINC ION'
5 water water
#
loop_
_entity_poly.entity_id
_entity_poly.type
_entity_poly.pdbx_seq_one_letter_code
_entity_poly.pdbx_strand_id
1 'polypeptide(L)'
;MEQRRGDSMAGGAPAEDGYNWRKYGQKLVKGSEYPRSYYKCTNPNCQVKKKVERSREGHITEIIYKGAHNHLKPLEHHHH
HH
;
B,F
2 'polydeoxyribonucleotide' (DA)(DG)(DC)(DC)(DT)(DT)(DT)(DG)(DA)(DC)(DC)(DA)(DG)(DC)(DG) C,G
3 'polydeoxyribonucleotide' (DT)(DC)(DG)(DC)(DT)(DG)(DG)(DT)(DC)(DA)(DA)(DA)(DG)(DG)(DC) D,H
#
# COMPACT_ATOMS: atom_id res chain seq x y z
N ALA A 13 -8.68 1.74 -16.75
CA ALA A 13 -9.66 1.77 -15.68
C ALA A 13 -9.10 1.37 -14.29
N PRO A 14 -8.36 0.26 -14.18
CA PRO A 14 -7.83 -0.15 -12.87
C PRO A 14 -6.56 0.60 -12.46
N ALA A 15 -6.32 0.63 -11.15
CA ALA A 15 -5.14 1.25 -10.57
C ALA A 15 -4.02 0.23 -10.48
N GLU A 16 -2.86 0.66 -9.97
CA GLU A 16 -1.71 -0.23 -9.92
C GLU A 16 -2.02 -1.50 -9.13
N ASP A 17 -2.89 -1.41 -8.12
CA ASP A 17 -3.17 -2.56 -7.30
C ASP A 17 -4.22 -3.48 -7.93
N GLY A 18 -4.71 -3.15 -9.12
CA GLY A 18 -5.65 -3.99 -9.83
C GLY A 18 -7.11 -3.73 -9.54
N TYR A 19 -7.44 -2.84 -8.61
CA TYR A 19 -8.85 -2.64 -8.28
C TYR A 19 -9.32 -1.31 -8.83
N ASN A 20 -10.63 -1.09 -8.73
CA ASN A 20 -11.23 0.19 -9.11
C ASN A 20 -11.58 0.99 -7.87
N TRP A 21 -11.18 2.25 -7.86
CA TRP A 21 -11.31 3.08 -6.67
C TRP A 21 -11.99 4.40 -6.99
N ARG A 22 -12.86 4.85 -6.08
CA ARG A 22 -13.34 6.22 -6.13
C ARG A 22 -12.74 7.00 -4.95
N LYS A 23 -12.16 8.15 -5.23
CA LYS A 23 -11.59 9.02 -4.18
C LYS A 23 -12.73 9.69 -3.41
N TYR A 24 -12.62 9.75 -2.08
CA TYR A 24 -13.70 10.37 -1.29
C TYR A 24 -13.12 11.37 -0.29
N GLY A 25 -11.84 11.73 -0.42
CA GLY A 25 -11.31 12.70 0.53
C GLY A 25 -9.82 12.86 0.44
N GLN A 26 -9.34 14.00 0.90
CA GLN A 26 -7.91 14.35 0.85
C GLN A 26 -7.63 15.24 2.06
N LYS A 27 -6.71 14.83 2.92
CA LYS A 27 -6.45 15.61 4.13
C LYS A 27 -4.95 15.78 4.30
N LEU A 28 -4.54 16.84 4.98
CA LEU A 28 -3.12 17.00 5.31
C LEU A 28 -3.00 16.57 6.75
N VAL A 29 -2.13 15.62 7.06
CA VAL A 29 -2.09 15.09 8.45
C VAL A 29 -0.68 15.14 9.01
N LYS A 30 -0.54 14.67 10.24
CA LYS A 30 0.73 14.59 11.02
C LYS A 30 1.35 15.98 11.14
N GLY A 31 0.53 17.00 11.39
CA GLY A 31 1.06 18.37 11.45
C GLY A 31 0.71 19.11 10.18
N SER A 32 -0.30 18.62 9.48
CA SER A 32 -0.81 19.20 8.21
C SER A 32 0.33 19.33 7.19
N GLU A 33 1.17 18.30 7.06
CA GLU A 33 2.30 18.39 6.10
C GLU A 33 2.26 17.22 5.13
N TYR A 34 1.63 16.13 5.54
CA TYR A 34 1.58 14.90 4.70
C TYR A 34 0.20 14.73 4.09
N PRO A 35 0.04 14.89 2.77
CA PRO A 35 -1.26 14.72 2.15
C PRO A 35 -1.66 13.25 2.18
N ARG A 36 -2.90 12.98 2.58
CA ARG A 36 -3.42 11.60 2.71
C ARG A 36 -4.65 11.49 1.81
N SER A 37 -4.70 10.47 0.96
CA SER A 37 -5.89 10.32 0.09
C SER A 37 -6.74 9.14 0.55
N TYR A 38 -8.06 9.28 0.48
CA TYR A 38 -8.99 8.20 0.88
C TYR A 38 -9.83 7.77 -0.33
N TYR A 39 -9.48 6.65 -0.96
CA TYR A 39 -10.21 6.14 -2.15
C TYR A 39 -11.32 5.18 -1.69
N LYS A 40 -11.99 4.54 -2.65
CA LYS A 40 -13.09 3.58 -2.35
C LYS A 40 -13.13 2.51 -3.45
N CYS A 41 -13.67 1.33 -3.12
CA CYS A 41 -13.79 0.16 -4.14
C CYS A 41 -15.06 0.47 -4.94
N THR A 42 -15.03 0.46 -6.25
CA THR A 42 -16.29 0.86 -6.93
C THR A 42 -17.27 -0.30 -7.01
N ASN A 43 -16.84 -1.51 -6.67
CA ASN A 43 -17.72 -2.68 -6.79
C ASN A 43 -18.94 -2.49 -5.89
N PRO A 44 -20.16 -2.77 -6.38
CA PRO A 44 -21.35 -2.60 -5.56
C PRO A 44 -21.29 -3.43 -4.29
N ASN A 45 -21.57 -2.77 -3.18
CA ASN A 45 -21.61 -3.34 -1.83
C ASN A 45 -20.24 -3.78 -1.33
N CYS A 46 -19.15 -3.40 -1.99
CA CYS A 46 -17.83 -3.66 -1.45
C CYS A 46 -17.46 -2.56 -0.46
N GLN A 47 -16.85 -2.97 0.66
CA GLN A 47 -16.58 -2.07 1.76
C GLN A 47 -15.11 -1.68 1.86
N VAL A 48 -14.26 -2.19 0.98
CA VAL A 48 -12.82 -1.99 1.15
C VAL A 48 -12.48 -0.53 0.96
N LYS A 49 -11.70 0.00 1.90
CA LYS A 49 -11.20 1.36 1.82
C LYS A 49 -9.68 1.30 1.71
N LYS A 50 -9.12 2.22 0.94
CA LYS A 50 -7.69 2.34 0.77
C LYS A 50 -7.23 3.74 1.16
N LYS A 51 -6.17 3.83 1.97
CA LYS A 51 -5.61 5.08 2.48
C LYS A 51 -4.18 5.20 1.98
N VAL A 52 -3.88 6.27 1.22
CA VAL A 52 -2.53 6.48 0.69
C VAL A 52 -1.91 7.75 1.29
N GLU A 53 -0.64 7.66 1.65
CA GLU A 53 0.05 8.76 2.31
C GLU A 53 1.36 9.02 1.59
N ARG A 54 1.71 10.30 1.45
CA ARG A 54 2.87 10.69 0.67
C ARG A 54 3.73 11.63 1.48
N SER A 55 5.00 11.70 1.07
CA SER A 55 5.92 12.66 1.65
C SER A 55 5.61 14.06 1.10
N ARG A 56 6.30 15.05 1.65
CA ARG A 56 6.09 16.41 1.15
C ARG A 56 6.47 16.54 -0.32
N GLU A 57 7.38 15.68 -0.80
CA GLU A 57 7.76 15.64 -2.21
C GLU A 57 6.84 14.75 -3.06
N GLY A 58 5.79 14.19 -2.48
CA GLY A 58 4.79 13.50 -3.26
C GLY A 58 5.01 12.02 -3.47
N HIS A 59 5.96 11.42 -2.78
CA HIS A 59 6.22 9.99 -2.90
C HIS A 59 5.45 9.21 -1.85
N ILE A 60 4.88 8.08 -2.29
CA ILE A 60 4.11 7.24 -1.39
C ILE A 60 4.94 6.83 -0.19
N THR A 61 4.33 6.84 0.97
CA THR A 61 5.00 6.51 2.20
C THR A 61 4.33 5.39 2.92
N GLU A 62 3.02 5.28 2.76
CA GLU A 62 2.27 4.22 3.39
C GLU A 62 1.00 4.02 2.61
N ILE A 63 0.60 2.75 2.48
CA ILE A 63 -0.72 2.40 1.99
C ILE A 63 -1.38 1.51 3.02
N ILE A 64 -2.65 1.80 3.32
CA ILE A 64 -3.43 1.01 4.27
C ILE A 64 -4.74 0.58 3.62
N TYR A 65 -4.99 -0.73 3.59
CA TYR A 65 -6.23 -1.31 3.10
C TYR A 65 -7.05 -1.79 4.28
N LYS A 66 -8.35 -1.57 4.24
CA LYS A 66 -9.24 -1.96 5.32
C LYS A 66 -10.42 -2.70 4.73
N GLY A 67 -10.64 -3.94 5.16
CA GLY A 67 -11.77 -4.73 4.71
C GLY A 67 -11.41 -5.77 3.66
N ALA A 68 -12.31 -6.75 3.48
CA ALA A 68 -12.18 -7.79 2.45
C ALA A 68 -13.10 -7.48 1.26
N HIS A 69 -12.54 -7.64 0.07
CA HIS A 69 -13.34 -7.44 -1.13
C HIS A 69 -14.44 -8.47 -1.23
N ASN A 70 -15.60 -8.04 -1.73
CA ASN A 70 -16.75 -8.90 -1.90
C ASN A 70 -16.86 -9.41 -3.35
N HIS A 71 -15.74 -9.76 -3.97
CA HIS A 71 -15.62 -10.04 -5.40
C HIS A 71 -14.16 -10.31 -5.77
N LEU A 72 -13.97 -10.97 -6.90
CA LEU A 72 -12.63 -11.21 -7.42
C LEU A 72 -12.02 -9.93 -8.00
N LYS A 73 -10.68 -9.91 -8.05
CA LYS A 73 -9.96 -8.85 -8.75
C LYS A 73 -10.53 -8.64 -10.15
N PRO A 74 -10.79 -7.41 -10.56
CA PRO A 74 -11.34 -7.19 -11.92
C PRO A 74 -10.35 -7.58 -13.00
N LEU A 75 -10.89 -7.92 -14.17
CA LEU A 75 -10.08 -8.33 -15.31
C LEU A 75 -9.42 -7.12 -16.00
N ALA D 13 0.98 -12.84 -0.05
CA ALA D 13 1.30 -12.07 -1.25
C ALA D 13 0.80 -10.62 -1.17
N PRO D 14 1.70 -9.67 -1.35
CA PRO D 14 1.36 -8.26 -1.16
C PRO D 14 0.65 -7.69 -2.38
N ALA D 15 0.00 -6.56 -2.15
CA ALA D 15 -0.72 -5.89 -3.22
C ALA D 15 0.24 -5.38 -4.28
N GLU D 16 -0.23 -5.34 -5.52
CA GLU D 16 0.56 -4.80 -6.61
C GLU D 16 0.63 -3.29 -6.47
N ASP D 17 1.77 -2.73 -6.85
CA ASP D 17 1.92 -1.28 -6.75
C ASP D 17 2.65 -0.71 -7.96
N GLY D 18 2.82 -1.50 -9.03
CA GLY D 18 3.49 -1.05 -10.23
C GLY D 18 5.00 -1.19 -10.19
N TYR D 19 5.58 -1.56 -9.05
CA TYR D 19 7.02 -1.72 -8.94
C TYR D 19 7.36 -3.19 -8.72
N ASN D 20 8.60 -3.53 -9.03
CA ASN D 20 9.09 -4.90 -8.93
C ASN D 20 9.85 -5.10 -7.63
N TRP D 21 9.49 -6.13 -6.89
CA TRP D 21 10.06 -6.30 -5.56
C TRP D 21 10.60 -7.71 -5.40
N ARG D 22 11.54 -7.85 -4.48
CA ARG D 22 12.05 -9.15 -4.07
C ARG D 22 11.93 -9.29 -2.56
N LYS D 23 11.32 -10.38 -2.10
CA LYS D 23 11.20 -10.60 -0.67
C LYS D 23 12.56 -11.00 -0.10
N TYR D 24 12.94 -10.40 1.03
CA TYR D 24 14.24 -10.70 1.61
C TYR D 24 14.21 -10.96 3.11
N GLY D 25 13.04 -11.11 3.71
CA GLY D 25 12.97 -11.66 5.03
C GLY D 25 11.54 -11.66 5.51
N GLN D 26 11.33 -12.36 6.63
CA GLN D 26 10.04 -12.29 7.30
C GLN D 26 10.26 -12.58 8.79
N LYS D 27 9.65 -11.77 9.65
CA LYS D 27 9.82 -11.87 11.08
C LYS D 27 8.47 -11.69 11.77
N LEU D 28 8.24 -12.45 12.83
CA LEU D 28 7.06 -12.25 13.66
C LEU D 28 7.45 -11.31 14.79
N VAL D 29 6.97 -10.09 14.74
CA VAL D 29 7.42 -9.07 15.67
C VAL D 29 6.54 -9.12 16.91
N LYS D 30 7.10 -8.70 18.04
CA LYS D 30 6.40 -8.79 19.31
C LYS D 30 5.18 -7.88 19.31
N GLY D 31 4.05 -8.42 19.77
CA GLY D 31 2.80 -7.70 19.73
C GLY D 31 2.04 -7.77 18.42
N SER D 32 2.36 -8.73 17.55
CA SER D 32 1.64 -8.94 16.31
C SER D 32 1.19 -10.40 16.23
N GLU D 33 0.01 -10.62 15.65
CA GLU D 33 -0.39 -12.00 15.35
C GLU D 33 0.24 -12.47 14.06
N TYR D 34 0.28 -11.64 13.06
CA TYR D 34 0.73 -12.09 11.76
C TYR D 34 2.16 -11.63 11.50
N PRO D 35 2.93 -12.45 10.80
CA PRO D 35 4.32 -12.10 10.54
C PRO D 35 4.40 -10.95 9.56
N ARG D 36 5.56 -10.31 9.55
CA ARG D 36 5.82 -9.11 8.73
C ARG D 36 6.82 -9.47 7.65
N SER D 37 6.59 -9.01 6.43
CA SER D 37 7.47 -9.32 5.31
C SER D 37 8.21 -8.09 4.82
N TYR D 38 9.45 -8.32 4.36
CA TYR D 38 10.36 -7.26 3.95
C TYR D 38 10.73 -7.43 2.49
N TYR D 39 10.51 -6.39 1.70
CA TYR D 39 10.79 -6.43 0.27
C TYR D 39 11.72 -5.29 -0.13
N LYS D 40 12.43 -5.49 -1.23
CA LYS D 40 13.33 -4.47 -1.84
C LYS D 40 12.99 -4.33 -3.33
N CYS D 41 13.17 -3.13 -3.87
CA CYS D 41 12.91 -2.83 -5.27
C CYS D 41 14.04 -3.40 -6.14
N THR D 42 13.69 -4.28 -7.07
CA THR D 42 14.70 -5.00 -7.82
C THR D 42 15.44 -4.13 -8.83
N ASN D 43 15.02 -2.88 -9.03
CA ASN D 43 15.84 -1.99 -9.84
C ASN D 43 17.25 -1.94 -9.29
N PRO D 44 18.25 -2.40 -10.04
CA PRO D 44 19.63 -2.21 -9.59
C PRO D 44 19.90 -0.73 -9.48
N ASN D 45 20.56 -0.33 -8.41
CA ASN D 45 20.84 1.04 -8.01
C ASN D 45 19.70 1.66 -7.23
N CYS D 46 18.60 0.96 -6.98
CA CYS D 46 17.49 1.51 -6.21
C CYS D 46 17.38 0.75 -4.89
N GLN D 47 17.25 1.48 -3.79
CA GLN D 47 17.24 0.83 -2.49
C GLN D 47 15.95 1.07 -1.70
N VAL D 48 14.86 1.43 -2.38
CA VAL D 48 13.56 1.48 -1.72
C VAL D 48 13.22 0.11 -1.15
N LYS D 49 12.70 0.10 0.07
CA LYS D 49 12.26 -1.11 0.73
C LYS D 49 10.85 -0.86 1.26
N LYS D 50 10.13 -1.95 1.49
CA LYS D 50 8.80 -1.81 2.06
C LYS D 50 8.52 -2.94 3.02
N LYS D 51 7.67 -2.67 4.00
CA LYS D 51 7.26 -3.65 4.99
C LYS D 51 5.78 -3.90 4.85
N VAL D 52 5.38 -5.15 5.04
CA VAL D 52 4.00 -5.57 4.85
C VAL D 52 3.62 -6.43 6.03
N GLU D 53 2.51 -6.08 6.68
CA GLU D 53 1.99 -6.86 7.84
C GLU D 53 0.48 -6.71 7.95
N ARG D 54 -0.24 -7.82 8.04
CA ARG D 54 -1.67 -7.85 8.26
C ARG D 54 -1.99 -7.66 9.74
N SER D 55 -3.26 -7.40 10.04
CA SER D 55 -3.76 -7.39 11.41
C SER D 55 -5.26 -7.67 11.39
N ARG D 56 -5.73 -8.35 12.44
CA ARG D 56 -7.09 -8.88 12.44
C ARG D 56 -8.13 -7.77 12.56
N GLU D 57 -7.90 -6.82 13.47
CA GLU D 57 -8.83 -5.72 13.71
C GLU D 57 -9.15 -4.99 12.40
N GLY D 58 -10.39 -5.12 11.93
CA GLY D 58 -10.79 -4.42 10.74
C GLY D 58 -10.22 -4.96 9.45
N HIS D 59 -9.54 -6.11 9.49
CA HIS D 59 -8.97 -6.77 8.32
C HIS D 59 -8.09 -5.79 7.53
N ILE D 60 -6.98 -5.45 8.17
CA ILE D 60 -6.14 -4.34 7.78
C ILE D 60 -4.82 -4.89 7.23
N THR D 61 -4.30 -4.23 6.20
CA THR D 61 -2.96 -4.52 5.70
C THR D 61 -2.22 -3.19 5.56
N GLU D 62 -1.19 -2.99 6.39
CA GLU D 62 -0.32 -1.83 6.30
C GLU D 62 0.92 -2.16 5.47
N ILE D 63 1.18 -1.33 4.46
CA ILE D 63 2.41 -1.39 3.68
C ILE D 63 3.17 -0.09 3.89
N ILE D 64 4.41 -0.19 4.36
CA ILE D 64 5.22 0.96 4.74
C ILE D 64 6.46 1.01 3.88
N TYR D 65 6.65 2.13 3.19
CA TYR D 65 7.73 2.31 2.24
C TYR D 65 8.81 3.20 2.84
N LYS D 66 10.06 2.81 2.66
CA LYS D 66 11.20 3.62 3.10
C LYS D 66 12.02 3.99 1.88
N GLY D 67 12.04 5.26 1.53
CA GLY D 67 12.91 5.70 0.47
C GLY D 67 12.13 6.00 -0.80
N ALA D 68 12.69 6.90 -1.61
CA ALA D 68 12.08 7.28 -2.87
C ALA D 68 12.76 6.56 -4.03
N HIS D 69 11.96 6.21 -5.04
CA HIS D 69 12.46 5.43 -6.16
C HIS D 69 13.40 6.25 -7.03
N ASN D 70 14.32 5.55 -7.66
CA ASN D 70 15.39 6.03 -8.52
C ASN D 70 14.98 6.26 -9.97
N HIS D 71 13.76 5.90 -10.36
CA HIS D 71 13.45 5.50 -11.72
C HIS D 71 11.94 5.46 -11.89
N LEU D 72 11.48 5.52 -13.13
CA LEU D 72 10.06 5.39 -13.40
C LEU D 72 9.60 3.98 -13.09
N LYS D 73 8.29 3.82 -12.90
CA LYS D 73 7.72 2.48 -12.79
C LYS D 73 8.15 1.62 -13.98
N PRO D 74 8.55 0.37 -13.74
CA PRO D 74 8.98 -0.50 -14.83
C PRO D 74 7.93 -0.64 -15.93
N LEU D 75 8.40 -1.00 -17.12
CA LEU D 75 7.53 -1.15 -18.28
C LEU D 75 6.72 -2.45 -18.19
#